data_4JER
#
_entry.id   4JER
#
_cell.length_a   70.340
_cell.length_b   70.340
_cell.length_c   74.840
_cell.angle_alpha   90.000
_cell.angle_beta   90.000
_cell.angle_gamma   90.000
#
_symmetry.space_group_name_H-M   'P 41 21 2'
#
loop_
_entity.id
_entity.type
_entity.pdbx_description
1 polymer 'Hemophore HasA'
2 non-polymer 'SODIUM ION'
3 water water
#
_entity_poly.entity_id   1
_entity_poly.type   'polypeptide(L)'
_entity_poly.pdbx_seq_one_letter_code
;MSTTIQYNSNYADYSISSYLREWANNFGDIDQAPAETKDRGSFSGSSTLFSGTQYAIGSSHSNPEGMIAEGDLKYSFMPQ
HTFHGQIDTLQFGKDLATNAGGPSAGKHLEKIDITFNELDLSGEFDSGKSMTENHQGDMHKSVRGLMKGNPDPMLEVMKA
KGINVDTAFKDLSIASQYPDSGYMSDAPMVDTV
;
_entity_poly.pdbx_strand_id   A
#
loop_
_chem_comp.id
_chem_comp.type
_chem_comp.name
_chem_comp.formula
NA non-polymer 'SODIUM ION' 'Na 1'
#
# COMPACT_ATOMS: atom_id res chain seq x y z
N SER A 2 4.66 18.18 -0.82
CA SER A 2 3.71 17.91 0.24
C SER A 2 2.75 16.82 -0.20
N THR A 3 2.33 15.96 0.72
CA THR A 3 1.45 14.85 0.36
C THR A 3 0.09 15.38 -0.10
N THR A 4 -0.42 14.82 -1.20
CA THR A 4 -1.77 15.08 -1.67
C THR A 4 -2.45 13.76 -1.95
N ILE A 5 -3.76 13.80 -2.04
CA ILE A 5 -4.59 12.61 -2.17
C ILE A 5 -5.64 12.82 -3.25
N GLN A 6 -5.90 11.78 -4.03
CA GLN A 6 -7.08 11.72 -4.85
C GLN A 6 -7.93 10.56 -4.39
N TYR A 7 -9.26 10.73 -4.48
CA TYR A 7 -10.18 9.68 -4.05
C TYR A 7 -11.34 9.57 -5.04
N ASN A 8 -11.81 8.34 -5.22
CA ASN A 8 -13.03 8.10 -5.97
C ASN A 8 -14.21 8.60 -5.16
N SER A 9 -15.17 9.24 -5.83
CA SER A 9 -16.30 9.88 -5.17
C SER A 9 -17.12 8.94 -4.30
N ASN A 10 -17.11 7.63 -4.60
CA ASN A 10 -17.84 6.71 -3.72
C ASN A 10 -17.36 6.76 -2.29
N TYR A 11 -16.10 7.17 -2.07
CA TYR A 11 -15.50 7.22 -0.73
C TYR A 11 -15.52 8.61 -0.12
N ALA A 12 -16.33 9.54 -0.63
CA ALA A 12 -16.30 10.90 -0.12
C ALA A 12 -16.58 10.99 1.37
N ASP A 13 -17.41 10.11 1.92
CA ASP A 13 -17.76 10.13 3.34
C ASP A 13 -16.78 9.38 4.22
N TYR A 14 -15.84 8.65 3.64
CA TYR A 14 -14.83 7.94 4.40
C TYR A 14 -13.70 8.89 4.76
N SER A 15 -12.93 8.51 5.76
CA SER A 15 -11.65 9.15 6.09
C SER A 15 -10.50 8.23 5.69
N ILE A 16 -9.28 8.71 5.82
CA ILE A 16 -8.13 7.81 5.60
C ILE A 16 -8.24 6.62 6.55
N SER A 17 -8.53 6.88 7.82
CA SER A 17 -8.63 5.81 8.81
CA SER A 17 -8.59 5.80 8.78
C SER A 17 -9.77 4.85 8.53
N SER A 18 -10.94 5.37 8.18
CA SER A 18 -12.06 4.44 7.95
C SER A 18 -11.89 3.66 6.66
N TYR A 19 -11.30 4.29 5.63
CA TYR A 19 -11.01 3.59 4.39
C TYR A 19 -10.01 2.48 4.63
N LEU A 20 -8.88 2.79 5.27
CA LEU A 20 -7.83 1.80 5.43
C LEU A 20 -8.28 0.67 6.35
N ARG A 21 -9.15 0.94 7.33
CA ARG A 21 -9.70 -0.14 8.13
C ARG A 21 -10.51 -1.09 7.25
N GLU A 22 -11.41 -0.55 6.42
CA GLU A 22 -12.22 -1.39 5.55
C GLU A 22 -11.35 -2.16 4.57
N TRP A 23 -10.40 -1.48 3.94
CA TRP A 23 -9.51 -2.12 2.98
C TRP A 23 -8.75 -3.26 3.65
N ALA A 24 -8.13 -2.99 4.80
CA ALA A 24 -7.27 -3.96 5.44
C ALA A 24 -8.05 -5.14 5.96
N ASN A 25 -9.25 -4.91 6.50
CA ASN A 25 -10.07 -6.00 6.98
C ASN A 25 -10.40 -6.97 5.86
N ASN A 26 -10.65 -6.44 4.67
CA ASN A 26 -11.03 -7.27 3.53
C ASN A 26 -9.81 -7.87 2.85
N PHE A 27 -8.69 -7.15 2.79
CA PHE A 27 -7.45 -7.73 2.28
C PHE A 27 -7.08 -8.96 3.11
N GLY A 28 -7.21 -8.84 4.42
N GLY A 28 -7.26 -8.86 4.42
CA GLY A 28 -6.97 -9.93 5.33
CA GLY A 28 -6.98 -9.95 5.32
C GLY A 28 -5.49 -10.23 5.51
C GLY A 28 -5.54 -9.97 5.77
N ASP A 29 -5.18 -10.99 6.55
CA ASP A 29 -3.82 -11.18 7.01
C ASP A 29 -3.15 -12.20 6.11
N ILE A 30 -2.11 -11.78 5.41
CA ILE A 30 -1.40 -12.66 4.49
C ILE A 30 -0.92 -13.90 5.20
N ASP A 31 -0.55 -13.79 6.48
CA ASP A 31 0.04 -14.91 7.17
C ASP A 31 -0.96 -16.04 7.36
N GLN A 32 -2.25 -15.75 7.28
CA GLN A 32 -3.27 -16.78 7.43
C GLN A 32 -3.62 -17.46 6.12
N ALA A 33 -3.06 -17.04 5.03
CA ALA A 33 -3.33 -17.72 3.77
C ALA A 33 -2.43 -18.96 3.64
N PRO A 34 -2.93 -20.07 3.13
CA PRO A 34 -2.04 -21.19 2.82
C PRO A 34 -1.08 -20.80 1.70
N ALA A 35 0.12 -21.39 1.73
CA ALA A 35 1.12 -21.07 0.72
C ALA A 35 0.56 -21.15 -0.69
N GLU A 36 -0.29 -22.14 -0.95
CA GLU A 36 -0.69 -22.41 -2.33
C GLU A 36 -1.43 -21.22 -2.96
N THR A 37 -2.08 -20.40 -2.15
CA THR A 37 -2.87 -19.27 -2.66
C THR A 37 -2.37 -17.93 -2.13
N LYS A 38 -1.17 -17.88 -1.58
CA LYS A 38 -0.65 -16.63 -1.06
C LYS A 38 -0.08 -15.76 -2.17
N ASP A 39 -0.48 -14.49 -2.21
CA ASP A 39 0.09 -13.49 -3.10
C ASP A 39 1.12 -12.73 -2.25
N ARG A 40 2.40 -13.01 -2.50
CA ARG A 40 3.48 -12.35 -1.78
C ARG A 40 3.84 -11.01 -2.40
N GLY A 41 3.13 -10.60 -3.44
CA GLY A 41 3.42 -9.34 -4.11
C GLY A 41 4.44 -9.51 -5.22
N SER A 42 4.44 -8.54 -6.13
CA SER A 42 5.24 -8.58 -7.34
CA SER A 42 5.24 -8.58 -7.34
C SER A 42 6.01 -7.28 -7.50
N PHE A 43 7.32 -7.39 -7.65
CA PHE A 43 8.20 -6.26 -7.95
C PHE A 43 8.40 -6.16 -9.46
N SER A 44 8.44 -4.93 -9.96
CA SER A 44 8.79 -4.70 -11.36
C SER A 44 9.51 -3.36 -11.45
N GLY A 45 10.13 -3.13 -12.61
CA GLY A 45 10.88 -1.92 -12.84
C GLY A 45 12.38 -2.05 -12.66
N SER A 46 12.88 -3.19 -12.17
CA SER A 46 14.31 -3.38 -12.00
C SER A 46 14.72 -4.78 -12.44
N SER A 47 15.99 -4.92 -12.76
CA SER A 47 16.52 -6.20 -13.17
C SER A 47 16.81 -7.07 -11.95
N PHE A 50 13.61 -9.08 -5.72
CA PHE A 50 13.30 -8.46 -4.43
C PHE A 50 13.60 -6.96 -4.40
N SER A 51 13.49 -6.32 -5.57
CA SER A 51 13.52 -4.87 -5.67
C SER A 51 12.81 -4.42 -6.94
N GLY A 52 12.42 -3.16 -6.94
CA GLY A 52 11.75 -2.59 -8.11
C GLY A 52 11.30 -1.18 -7.84
N THR A 53 10.82 -0.52 -8.90
CA THR A 53 10.18 0.77 -8.75
C THR A 53 8.68 0.64 -8.51
N GLN A 54 8.11 -0.56 -8.66
CA GLN A 54 6.73 -0.84 -8.30
C GLN A 54 6.66 -2.14 -7.51
N TYR A 55 5.80 -2.15 -6.48
CA TYR A 55 5.44 -3.35 -5.74
C TYR A 55 3.93 -3.39 -5.70
N ALA A 56 3.34 -4.48 -6.17
CA ALA A 56 1.90 -4.61 -6.29
C ALA A 56 1.47 -5.90 -5.61
N ILE A 57 0.42 -5.84 -4.78
CA ILE A 57 -0.01 -7.01 -4.03
C ILE A 57 -1.53 -6.99 -3.87
N GLY A 58 -2.14 -8.15 -4.06
CA GLY A 58 -3.56 -8.33 -3.83
C GLY A 58 -3.82 -9.28 -2.68
N SER A 59 -5.07 -9.29 -2.24
CA SER A 59 -5.46 -10.14 -1.13
C SER A 59 -5.15 -11.60 -1.43
N SER A 60 -4.72 -12.33 -0.40
CA SER A 60 -4.51 -13.77 -0.47
C SER A 60 -5.75 -14.57 -0.11
N HIS A 61 -6.88 -13.91 0.14
CA HIS A 61 -8.09 -14.54 0.62
C HIS A 61 -9.26 -14.41 -0.37
N SER A 62 -8.96 -14.35 -1.66
CA SER A 62 -10.01 -14.34 -2.69
C SER A 62 -10.94 -13.15 -2.56
N ASN A 63 -10.38 -12.03 -2.15
CA ASN A 63 -11.07 -10.77 -2.14
CA ASN A 63 -11.05 -10.75 -2.11
C ASN A 63 -10.38 -9.81 -3.09
N PRO A 64 -11.07 -8.76 -3.51
CA PRO A 64 -10.53 -7.92 -4.59
C PRO A 64 -9.49 -6.91 -4.16
N GLU A 65 -9.35 -6.64 -2.87
CA GLU A 65 -8.51 -5.55 -2.42
C GLU A 65 -7.07 -5.73 -2.85
N GLY A 66 -6.47 -4.63 -3.31
CA GLY A 66 -5.07 -4.61 -3.66
C GLY A 66 -4.45 -3.24 -3.40
N MET A 67 -3.13 -3.21 -3.46
CA MET A 67 -2.31 -2.05 -3.16
CA MET A 67 -2.40 -1.97 -3.30
C MET A 67 -1.15 -2.00 -4.16
N ILE A 68 -0.77 -0.81 -4.59
CA ILE A 68 0.42 -0.61 -5.42
C ILE A 68 1.26 0.49 -4.79
N ALA A 69 2.54 0.23 -4.60
CA ALA A 69 3.51 1.22 -4.15
C ALA A 69 4.47 1.49 -5.29
N GLU A 70 4.84 2.77 -5.46
CA GLU A 70 5.83 3.18 -6.45
C GLU A 70 6.88 4.02 -5.78
N GLY A 71 8.14 3.79 -6.17
CA GLY A 71 9.25 4.53 -5.61
C GLY A 71 10.53 3.78 -5.90
N ASP A 72 11.31 3.48 -4.88
CA ASP A 72 12.56 2.70 -4.98
C ASP A 72 12.49 1.70 -3.86
N LEU A 73 11.99 0.50 -4.17
CA LEU A 73 11.54 -0.44 -3.16
C LEU A 73 12.45 -1.66 -3.10
N LYS A 74 12.67 -2.14 -1.87
CA LYS A 74 13.57 -3.25 -1.61
C LYS A 74 12.95 -4.13 -0.52
N TYR A 75 13.33 -5.40 -0.54
CA TYR A 75 12.87 -6.37 0.45
C TYR A 75 14.01 -7.33 0.75
N SER A 76 14.30 -7.54 2.04
CA SER A 76 15.50 -8.27 2.43
C SER A 76 15.33 -9.79 2.44
N PHE A 77 14.13 -10.30 2.25
CA PHE A 77 13.89 -11.75 2.20
C PHE A 77 14.44 -12.43 3.47
N MET A 78 15.00 -13.62 3.37
CA MET A 78 15.39 -14.34 4.58
CA MET A 78 15.37 -14.33 4.59
C MET A 78 16.65 -13.72 5.19
N PRO A 79 16.80 -13.67 6.52
CA PRO A 79 15.80 -14.14 7.51
C PRO A 79 14.99 -13.01 8.12
N GLN A 80 15.23 -11.74 7.76
CA GLN A 80 14.61 -10.62 8.45
C GLN A 80 13.37 -10.06 7.77
N HIS A 81 13.18 -10.31 6.47
CA HIS A 81 11.97 -9.98 5.76
C HIS A 81 11.57 -8.51 5.95
N THR A 82 12.52 -7.59 5.71
CA THR A 82 12.29 -6.15 5.89
C THR A 82 12.05 -5.46 4.54
N PHE A 83 10.98 -4.68 4.47
CA PHE A 83 10.72 -3.78 3.35
C PHE A 83 11.36 -2.43 3.63
N HIS A 84 12.07 -1.90 2.66
CA HIS A 84 12.79 -0.66 2.85
C HIS A 84 13.00 0.06 1.53
N GLY A 85 13.55 1.24 1.61
CA GLY A 85 13.70 2.12 0.46
C GLY A 85 12.82 3.36 0.58
N GLN A 86 12.09 3.65 -0.48
CA GLN A 86 11.30 4.88 -0.59
C GLN A 86 9.99 4.57 -1.32
N ILE A 87 8.87 5.00 -0.75
CA ILE A 87 7.57 4.97 -1.43
C ILE A 87 7.14 6.41 -1.64
N ASP A 88 6.97 6.79 -2.91
CA ASP A 88 6.45 8.10 -3.25
C ASP A 88 4.95 8.12 -3.50
N THR A 89 4.42 7.09 -4.13
CA THR A 89 3.00 6.96 -4.45
CA THR A 89 2.99 6.99 -4.38
C THR A 89 2.49 5.66 -3.85
N LEU A 90 1.35 5.71 -3.19
CA LEU A 90 0.74 4.53 -2.61
C LEU A 90 -0.73 4.55 -2.99
N GLN A 91 -1.18 3.50 -3.66
CA GLN A 91 -2.52 3.46 -4.21
CA GLN A 91 -2.51 3.41 -4.27
C GLN A 91 -3.26 2.22 -3.72
N PHE A 92 -4.53 2.40 -3.42
CA PHE A 92 -5.39 1.35 -2.91
C PHE A 92 -6.60 1.22 -3.81
N GLY A 93 -7.04 0.00 -4.02
CA GLY A 93 -8.23 -0.22 -4.81
C GLY A 93 -8.56 -1.68 -4.91
N LYS A 94 -9.12 -2.05 -6.06
CA LYS A 94 -9.58 -3.41 -6.25
CA LYS A 94 -9.72 -3.34 -6.29
C LYS A 94 -9.20 -3.93 -7.62
N ASP A 95 -9.04 -5.25 -7.65
CA ASP A 95 -8.85 -6.04 -8.86
C ASP A 95 -7.56 -5.67 -9.60
N LEU A 96 -6.45 -6.02 -8.95
CA LEU A 96 -5.15 -5.92 -9.59
CA LEU A 96 -5.16 -5.92 -9.58
C LEU A 96 -5.12 -6.74 -10.87
N ALA A 97 -4.49 -6.19 -11.89
CA ALA A 97 -4.30 -6.87 -13.17
C ALA A 97 -2.92 -6.55 -13.70
N THR A 98 -2.36 -7.49 -14.44
CA THR A 98 -1.07 -7.25 -15.05
C THR A 98 -1.23 -6.35 -16.26
N ASN A 99 -0.30 -5.42 -16.44
CA ASN A 99 -0.29 -4.56 -17.61
C ASN A 99 -0.02 -5.37 -18.87
N ALA A 100 -0.40 -4.78 -20.00
CA ALA A 100 -0.05 -5.35 -21.30
C ALA A 100 1.46 -5.52 -21.40
N GLY A 101 1.90 -6.67 -21.91
CA GLY A 101 3.30 -6.97 -21.91
C GLY A 101 3.75 -7.80 -20.72
N GLY A 102 2.89 -7.98 -19.72
CA GLY A 102 3.16 -8.93 -18.67
C GLY A 102 3.75 -8.31 -17.43
N PRO A 103 4.10 -9.16 -16.44
CA PRO A 103 4.45 -8.65 -15.10
C PRO A 103 5.65 -7.71 -15.11
N SER A 104 6.57 -7.86 -16.06
CA SER A 104 7.72 -6.96 -16.11
C SER A 104 7.33 -5.54 -16.49
N ALA A 105 6.15 -5.36 -17.08
CA ALA A 105 5.59 -4.06 -17.38
C ALA A 105 4.81 -3.47 -16.23
N GLY A 106 4.69 -4.19 -15.11
CA GLY A 106 3.95 -3.68 -13.97
C GLY A 106 2.53 -4.18 -13.94
N LYS A 107 1.84 -3.76 -12.87
CA LYS A 107 0.43 -4.03 -12.69
CA LYS A 107 0.43 -4.03 -12.68
C LYS A 107 -0.32 -2.72 -12.50
N HIS A 108 -1.64 -2.81 -12.55
CA HIS A 108 -2.52 -1.68 -12.28
C HIS A 108 -3.74 -2.21 -11.55
N LEU A 109 -4.45 -1.33 -10.86
CA LEU A 109 -5.74 -1.66 -10.26
C LEU A 109 -6.85 -1.34 -11.27
N GLU A 110 -7.77 -2.28 -11.47
CA GLU A 110 -8.90 -1.97 -12.34
C GLU A 110 -9.79 -0.89 -11.75
N LYS A 111 -9.90 -0.85 -10.42
CA LYS A 111 -10.65 0.20 -9.74
C LYS A 111 -9.71 0.85 -8.74
N ILE A 112 -9.38 2.11 -8.96
CA ILE A 112 -8.53 2.87 -8.04
C ILE A 112 -9.45 3.59 -7.05
N ASP A 113 -9.29 3.32 -5.77
CA ASP A 113 -10.10 3.99 -4.75
C ASP A 113 -9.43 5.27 -4.25
N ILE A 114 -8.18 5.16 -3.77
CA ILE A 114 -7.47 6.26 -3.12
C ILE A 114 -6.02 6.23 -3.58
N THR A 115 -5.46 7.39 -3.89
CA THR A 115 -4.05 7.51 -4.20
C THR A 115 -3.41 8.58 -3.32
N PHE A 116 -2.32 8.20 -2.65
CA PHE A 116 -1.48 9.11 -1.89
C PHE A 116 -0.27 9.45 -2.76
N ASN A 117 -0.07 10.74 -3.02
CA ASN A 117 1.01 11.25 -3.85
C ASN A 117 2.02 12.00 -2.98
N GLU A 118 3.29 11.89 -3.34
CA GLU A 118 4.38 12.50 -2.56
C GLU A 118 4.24 12.15 -1.08
N LEU A 119 4.06 10.84 -0.84
CA LEU A 119 3.89 10.37 0.53
C LEU A 119 5.19 10.41 1.32
N ASP A 120 6.33 10.31 0.63
CA ASP A 120 7.65 10.36 1.25
C ASP A 120 7.77 9.36 2.40
N LEU A 121 7.38 8.12 2.13
CA LEU A 121 7.41 7.05 3.12
C LEU A 121 8.71 6.26 2.93
N SER A 122 9.55 6.21 3.95
CA SER A 122 10.88 5.64 3.75
C SER A 122 11.29 4.76 4.91
N GLY A 123 12.34 3.98 4.68
CA GLY A 123 12.95 3.21 5.74
C GLY A 123 14.29 2.67 5.27
N GLU A 124 15.16 2.41 6.24
CA GLU A 124 16.50 1.90 5.98
C GLU A 124 16.64 0.47 6.49
N PHE A 125 17.54 -0.29 5.88
CA PHE A 125 17.83 -1.65 6.30
C PHE A 125 19.33 -1.79 6.51
N ASP A 126 19.72 -2.32 7.66
CA ASP A 126 21.13 -2.55 7.95
C ASP A 126 21.27 -4.03 8.27
N SER A 127 21.98 -4.75 7.40
CA SER A 127 22.10 -6.21 7.51
C SER A 127 22.78 -6.65 8.79
N GLY A 128 23.46 -5.75 9.48
CA GLY A 128 24.15 -6.11 10.69
C GLY A 128 23.32 -5.84 11.91
N LYS A 129 22.15 -5.19 11.77
CA LYS A 129 21.30 -4.87 12.91
C LYS A 129 20.25 -5.96 13.12
N SER A 130 19.63 -5.92 14.30
CA SER A 130 18.61 -6.88 14.63
C SER A 130 17.37 -6.67 13.76
N MET A 131 16.60 -7.73 13.65
CA MET A 131 15.31 -7.64 12.98
CA MET A 131 15.32 -7.63 12.98
C MET A 131 14.42 -6.63 13.68
N THR A 132 14.41 -6.64 15.01
CA THR A 132 13.57 -5.70 15.73
C THR A 132 13.89 -4.27 15.32
N GLU A 133 15.17 -3.93 15.24
CA GLU A 133 15.56 -2.58 14.88
C GLU A 133 15.20 -2.28 13.42
N ASN A 134 15.48 -3.20 12.51
CA ASN A 134 15.14 -2.98 11.11
C ASN A 134 13.63 -2.84 10.90
N HIS A 135 12.83 -3.52 11.70
CA HIS A 135 11.38 -3.45 11.55
C HIS A 135 10.78 -2.19 12.12
N GLN A 136 11.57 -1.32 12.74
CA GLN A 136 11.01 -0.08 13.25
CA GLN A 136 11.11 -0.05 13.26
C GLN A 136 10.91 1.00 12.18
N GLY A 137 11.47 0.78 11.00
CA GLY A 137 11.39 1.80 9.97
C GLY A 137 9.95 2.08 9.56
N ASP A 138 9.71 3.32 9.17
CA ASP A 138 8.35 3.74 8.81
C ASP A 138 7.80 2.88 7.68
N MET A 139 8.59 2.71 6.61
CA MET A 139 8.11 1.96 5.46
C MET A 139 7.79 0.52 5.82
N HIS A 140 8.70 -0.16 6.52
CA HIS A 140 8.46 -1.56 6.86
C HIS A 140 7.20 -1.71 7.69
N LYS A 141 7.11 -0.97 8.80
CA LYS A 141 5.99 -1.23 9.68
C LYS A 141 4.67 -0.94 9.02
N SER A 142 4.65 0.09 8.16
CA SER A 142 3.39 0.42 7.52
CA SER A 142 3.45 0.49 7.43
C SER A 142 3.01 -0.59 6.45
N VAL A 143 3.91 -0.97 5.58
CA VAL A 143 3.60 -1.94 4.52
C VAL A 143 3.31 -3.31 5.10
N ARG A 144 4.17 -3.77 6.02
CA ARG A 144 3.95 -5.09 6.62
C ARG A 144 2.65 -5.10 7.42
N GLY A 145 2.36 -4.02 8.13
CA GLY A 145 1.10 -3.96 8.85
C GLY A 145 -0.10 -4.11 7.93
N LEU A 146 -0.10 -3.38 6.82
CA LEU A 146 -1.20 -3.46 5.87
C LEU A 146 -1.37 -4.87 5.32
N MET A 147 -0.26 -5.54 5.02
CA MET A 147 -0.25 -6.92 4.52
CA MET A 147 -0.39 -6.88 4.48
C MET A 147 -0.86 -7.88 5.52
N LYS A 148 -0.76 -7.56 6.81
CA LYS A 148 -1.31 -8.33 7.91
C LYS A 148 -2.72 -7.88 8.28
N GLY A 149 -3.33 -7.01 7.51
CA GLY A 149 -4.68 -6.58 7.82
C GLY A 149 -4.76 -5.51 8.87
N ASN A 150 -3.64 -4.82 9.13
CA ASN A 150 -3.53 -3.87 10.24
C ASN A 150 -3.07 -2.52 9.69
N PRO A 151 -3.98 -1.55 9.55
CA PRO A 151 -3.60 -0.24 9.02
C PRO A 151 -3.01 0.68 10.07
N ASP A 152 -2.98 0.28 11.32
CA ASP A 152 -2.64 1.23 12.37
C ASP A 152 -1.22 1.77 12.26
N PRO A 153 -0.20 0.95 11.94
CA PRO A 153 1.14 1.54 11.80
C PRO A 153 1.21 2.58 10.70
N MET A 154 0.57 2.32 9.55
CA MET A 154 0.50 3.31 8.49
C MET A 154 -0.19 4.58 8.97
N LEU A 155 -1.30 4.43 9.69
CA LEU A 155 -2.02 5.59 10.19
C LEU A 155 -1.16 6.40 11.15
N GLU A 156 -0.39 5.75 12.00
CA GLU A 156 0.50 6.45 12.92
C GLU A 156 1.58 7.21 12.19
N VAL A 157 2.14 6.61 11.13
CA VAL A 157 3.13 7.30 10.31
C VAL A 157 2.51 8.53 9.66
N MET A 158 1.31 8.37 9.09
CA MET A 158 0.64 9.50 8.46
C MET A 158 0.35 10.61 9.47
N LYS A 159 -0.16 10.26 10.66
CA LYS A 159 -0.42 11.28 11.68
C LYS A 159 0.86 12.03 12.02
N ALA A 160 2.00 11.32 12.11
CA ALA A 160 3.26 11.96 12.47
C ALA A 160 3.79 12.85 11.35
N LYS A 161 3.32 12.66 10.12
CA LYS A 161 3.60 13.59 9.04
C LYS A 161 2.69 14.80 9.06
N GLY A 162 1.78 14.90 10.03
CA GLY A 162 0.84 16.01 10.07
C GLY A 162 -0.39 15.81 9.23
N ILE A 163 -0.64 14.61 8.73
CA ILE A 163 -1.85 14.32 7.96
C ILE A 163 -3.00 14.04 8.91
N ASN A 164 -4.17 14.60 8.61
CA ASN A 164 -5.37 14.32 9.39
C ASN A 164 -6.02 13.07 8.82
N VAL A 165 -5.97 11.99 9.59
CA VAL A 165 -6.53 10.72 9.16
C VAL A 165 -7.97 10.53 9.61
N ASP A 166 -8.55 11.55 10.24
CA ASP A 166 -9.91 11.51 10.77
C ASP A 166 -10.92 12.21 9.86
N THR A 167 -10.53 13.27 9.18
CA THR A 167 -11.45 14.04 8.35
C THR A 167 -11.96 13.20 7.18
N ALA A 168 -13.24 13.33 6.84
CA ALA A 168 -13.73 12.70 5.62
C ALA A 168 -13.04 13.31 4.41
N PHE A 169 -12.83 12.48 3.39
CA PHE A 169 -12.15 12.94 2.18
C PHE A 169 -12.78 14.20 1.61
N LYS A 170 -14.12 14.27 1.58
CA LYS A 170 -14.81 15.43 1.03
C LYS A 170 -14.44 16.73 1.73
N ASP A 171 -14.02 16.66 2.99
CA ASP A 171 -13.64 17.83 3.78
C ASP A 171 -12.13 17.99 3.97
N LEU A 172 -11.33 17.05 3.51
CA LEU A 172 -9.90 17.05 3.76
C LEU A 172 -9.19 17.93 2.72
N SER A 173 -8.48 18.95 3.20
CA SER A 173 -7.91 19.98 2.32
CA SER A 173 -7.95 19.96 2.30
C SER A 173 -6.94 19.40 1.30
N ILE A 174 -6.15 18.39 1.70
CA ILE A 174 -5.13 17.84 0.80
C ILE A 174 -5.71 16.83 -0.18
N ALA A 175 -7.00 16.56 -0.13
CA ALA A 175 -7.64 15.54 -0.97
C ALA A 175 -8.57 16.18 -1.99
N SER A 176 -8.55 15.61 -3.19
CA SER A 176 -9.47 16.03 -4.22
CA SER A 176 -9.39 16.04 -4.30
C SER A 176 -10.09 14.82 -4.88
N GLN A 177 -11.33 14.99 -5.29
CA GLN A 177 -12.07 13.88 -5.86
C GLN A 177 -11.67 13.66 -7.30
N TYR A 178 -11.47 12.40 -7.68
CA TYR A 178 -11.31 12.09 -9.10
C TYR A 178 -12.55 12.60 -9.84
N PRO A 179 -12.38 13.21 -11.01
CA PRO A 179 -13.53 13.66 -11.78
C PRO A 179 -14.55 12.57 -12.00
N ASP A 180 -15.83 12.94 -11.93
CA ASP A 180 -16.90 12.00 -12.17
C ASP A 180 -16.76 11.40 -13.56
N SER A 181 -16.89 10.09 -13.69
CA SER A 181 -16.78 9.40 -14.97
C SER A 181 -17.92 8.39 -15.08
N GLY A 182 -17.92 7.64 -16.18
CA GLY A 182 -19.00 6.71 -16.35
C GLY A 182 -18.62 5.31 -16.77
N TYR A 183 -17.33 4.91 -16.66
CA TYR A 183 -16.94 3.60 -17.15
C TYR A 183 -16.93 2.51 -16.09
N MET A 184 -16.95 2.87 -14.81
CA MET A 184 -16.94 1.88 -13.74
C MET A 184 -18.39 1.58 -13.29
NA NA B . -11.51 17.59 0.00
#